data_8F4S
#
_entry.id   8F4S
#
_cell.length_a   170.847
_cell.length_b   170.847
_cell.length_c   51.881
_cell.angle_alpha   90.000
_cell.angle_beta   90.000
_cell.angle_gamma   120.000
#
_symmetry.space_group_name_H-M   'P 31 2 1'
#
loop_
_entity.id
_entity.type
_entity.pdbx_description
1 polymer "2'-O-methyltransferase"
2 polymer 'Non-structural protein 10'
3 non-polymer 'SODIUM ION'
4 non-polymer 4-[(E)-2-(2,4-dichlorophenyl)ethenyl]-6-(trifluoromethyl)pyrimidin-2-ol
5 non-polymer 'FORMIC ACID'
6 non-polymer 'ZINC ION'
7 water water
#
loop_
_entity_poly.entity_id
_entity_poly.type
_entity_poly.pdbx_seq_one_letter_code
_entity_poly.pdbx_strand_id
1 'polypeptide(L)'
;SNASSQAWQPGVAMPNLYKMQRMLLEKCDLQNYGDSATLPKGIMMNVAKYTQLCQYLNTLTLAVPYNMRVIHFGAGSDKG
VAPGTAVLRQWLPTGTLLVDSDLNDFVSDADSTLIGDCATVHTANKWDLIISDMYDPKTKNVTKENDSKEGFFTYICGFI
QQKLALGGSVAIKITEHSWNADLYKLMGHFAWWTAFVTNVNASSSEAFLIGCNYLGKPREQIDGYVMHANYIFWRNTNPI
QLSSYSLFDMSKFPLKLRGTAVMSLKEGQINDMILSLLSKGRLIIRENNRVVISSDVLVNN
;
A
2 'polypeptide(L)'
;SNAAGNATEVPANSTVLSFCAFAVDAAKAYKDYLASGGQPITNCVKMLCTHTGTGQAITVTPEANMDQESFGGASCCLYC
RCHIDHPNPKGFCDLKGKYVQIPTTCANDPVGFTLKNTVCTVCGMWKGYGCSCDQLREPMLQ
;
B
#
loop_
_chem_comp.id
_chem_comp.type
_chem_comp.name
_chem_comp.formula
FMT non-polymer 'FORMIC ACID' 'C H2 O2'
NA non-polymer 'SODIUM ION' 'Na 1'
XDU non-polymer 4-[(E)-2-(2,4-dichlorophenyl)ethenyl]-6-(trifluoromethyl)pyrimidin-2-ol 'C13 H7 Cl2 F3 N2 O'
ZN non-polymer 'ZINC ION' 'Zn 2'
#
# COMPACT_ATOMS: atom_id res chain seq x y z
N SER A 4 8.76 -26.89 -1.41
CA SER A 4 8.72 -25.49 -1.91
C SER A 4 9.13 -24.55 -0.79
N SER A 5 10.42 -24.14 -0.80
CA SER A 5 11.00 -23.23 0.19
C SER A 5 10.41 -21.84 0.05
N GLN A 6 9.80 -21.58 -1.12
CA GLN A 6 9.19 -20.30 -1.41
C GLN A 6 8.00 -20.00 -0.50
N ALA A 7 7.40 -21.05 0.09
CA ALA A 7 6.20 -20.91 0.92
C ALA A 7 6.44 -20.04 2.15
N TRP A 8 7.70 -19.94 2.62
CA TRP A 8 8.02 -19.12 3.78
C TRP A 8 8.39 -17.70 3.38
N GLN A 9 8.55 -17.47 2.08
CA GLN A 9 8.82 -16.12 1.58
C GLN A 9 7.50 -15.36 1.56
N PRO A 10 7.52 -14.01 1.54
CA PRO A 10 6.29 -13.23 1.40
C PRO A 10 5.67 -13.41 0.02
N GLY A 11 6.51 -13.84 -0.94
CA GLY A 11 6.05 -14.03 -2.30
C GLY A 11 7.19 -14.49 -3.20
N VAL A 12 6.98 -14.42 -4.52
CA VAL A 12 7.99 -14.89 -5.46
C VAL A 12 8.24 -13.83 -6.52
N ALA A 13 9.53 -13.51 -6.73
CA ALA A 13 9.93 -12.55 -7.75
C ALA A 13 10.29 -13.30 -9.03
N MET A 14 10.04 -12.68 -10.17
CA MET A 14 10.27 -13.30 -11.46
C MET A 14 11.78 -13.54 -11.65
N PRO A 15 12.23 -14.80 -11.82
CA PRO A 15 13.65 -15.08 -12.01
C PRO A 15 14.22 -14.37 -13.23
N ASN A 16 15.49 -13.93 -13.11
CA ASN A 16 16.17 -13.16 -14.13
C ASN A 16 16.16 -13.85 -15.49
N LEU A 17 16.27 -15.19 -15.51
CA LEU A 17 16.36 -15.85 -16.81
C LEU A 17 15.06 -15.70 -17.60
N TYR A 18 13.91 -15.60 -16.92
CA TYR A 18 12.63 -15.40 -17.58
C TYR A 18 12.56 -14.02 -18.23
N LYS A 19 13.21 -13.03 -17.61
CA LYS A 19 13.22 -11.67 -18.12
C LYS A 19 14.02 -11.55 -19.41
N MET A 20 14.92 -12.52 -19.66
CA MET A 20 15.83 -12.48 -20.79
C MET A 20 15.30 -13.24 -22.02
N GLN A 21 14.08 -13.78 -21.93
CA GLN A 21 13.52 -14.53 -23.04
C GLN A 21 12.84 -13.58 -24.03
N ARG A 22 12.38 -14.14 -25.16
N ARG A 22 12.35 -14.14 -25.14
CA ARG A 22 11.67 -13.41 -26.19
CA ARG A 22 11.65 -13.37 -26.15
C ARG A 22 10.41 -14.20 -26.54
C ARG A 22 10.40 -14.15 -26.54
N MET A 23 9.47 -14.27 -25.59
CA MET A 23 8.27 -15.06 -25.76
C MET A 23 7.16 -14.26 -26.44
N LEU A 24 6.19 -15.01 -26.99
CA LEU A 24 4.97 -14.46 -27.58
C LEU A 24 3.90 -14.54 -26.50
N LEU A 25 2.97 -13.58 -26.50
CA LEU A 25 1.94 -13.56 -25.46
C LEU A 25 0.96 -14.72 -25.65
N GLU A 26 0.66 -15.41 -24.55
CA GLU A 26 -0.29 -16.52 -24.51
C GLU A 26 -1.30 -16.25 -23.40
N LYS A 27 -2.38 -17.03 -23.41
CA LYS A 27 -3.36 -16.95 -22.33
C LYS A 27 -2.70 -17.42 -21.04
N CYS A 28 -3.14 -16.84 -19.92
CA CYS A 28 -2.63 -17.25 -18.63
C CYS A 28 -3.51 -18.39 -18.13
N ASP A 29 -2.91 -19.55 -17.87
CA ASP A 29 -3.62 -20.73 -17.40
C ASP A 29 -2.92 -21.24 -16.14
N LEU A 30 -3.31 -20.73 -14.98
CA LEU A 30 -2.67 -21.07 -13.72
C LEU A 30 -3.21 -22.40 -13.17
N GLN A 31 -2.28 -23.28 -12.80
CA GLN A 31 -2.57 -24.58 -12.21
C GLN A 31 -3.36 -24.43 -10.90
N ASN A 32 -2.97 -23.45 -10.07
CA ASN A 32 -3.58 -23.22 -8.77
C ASN A 32 -4.77 -22.26 -8.86
N TYR A 33 -5.22 -21.93 -10.08
CA TYR A 33 -6.36 -21.04 -10.24
C TYR A 33 -7.57 -21.64 -9.53
N GLY A 34 -8.20 -20.85 -8.65
CA GLY A 34 -9.37 -21.33 -7.93
C GLY A 34 -9.07 -21.63 -6.47
N ASP A 35 -7.82 -22.01 -6.16
CA ASP A 35 -7.40 -22.28 -4.80
C ASP A 35 -7.38 -20.98 -4.00
N SER A 36 -7.36 -21.13 -2.67
CA SER A 36 -7.36 -20.00 -1.75
C SER A 36 -6.41 -20.27 -0.59
N ALA A 37 -5.64 -19.25 -0.20
CA ALA A 37 -4.75 -19.37 0.95
C ALA A 37 -5.59 -19.22 2.22
N THR A 38 -5.12 -19.84 3.31
CA THR A 38 -5.84 -19.74 4.57
C THR A 38 -5.25 -18.55 5.33
N LEU A 39 -6.03 -17.45 5.36
CA LEU A 39 -5.63 -16.21 6.01
C LEU A 39 -5.78 -16.33 7.52
N PRO A 40 -4.96 -15.61 8.32
CA PRO A 40 -5.15 -15.57 9.76
C PRO A 40 -6.57 -15.09 10.00
N LYS A 41 -7.18 -15.54 11.11
CA LYS A 41 -8.56 -15.24 11.42
C LYS A 41 -8.84 -13.73 11.38
N GLY A 42 -9.88 -13.35 10.62
CA GLY A 42 -10.37 -11.99 10.53
C GLY A 42 -9.50 -11.05 9.70
N ILE A 43 -8.43 -11.56 9.08
CA ILE A 43 -7.58 -10.71 8.25
C ILE A 43 -8.12 -10.74 6.82
N MET A 44 -8.17 -9.54 6.23
N MET A 44 -8.27 -9.56 6.21
CA MET A 44 -8.63 -9.24 4.89
CA MET A 44 -8.81 -9.52 4.87
C MET A 44 -7.55 -9.63 3.87
C MET A 44 -7.64 -9.59 3.88
N MET A 45 -7.96 -10.01 2.65
CA MET A 45 -7.00 -10.29 1.60
C MET A 45 -6.16 -9.05 1.28
N ASN A 46 -6.77 -7.87 1.26
CA ASN A 46 -6.04 -6.65 0.94
C ASN A 46 -4.95 -6.36 1.99
N VAL A 47 -5.24 -6.64 3.26
CA VAL A 47 -4.25 -6.43 4.29
C VAL A 47 -3.12 -7.43 4.13
N ALA A 48 -3.47 -8.70 3.86
CA ALA A 48 -2.49 -9.76 3.70
C ALA A 48 -1.57 -9.48 2.51
N LYS A 49 -2.16 -9.06 1.41
CA LYS A 49 -1.44 -8.80 0.17
C LYS A 49 -0.45 -7.66 0.36
N TYR A 50 -0.90 -6.55 0.94
CA TYR A 50 0.00 -5.43 1.15
C TYR A 50 1.08 -5.75 2.19
N THR A 51 0.75 -6.57 3.19
CA THR A 51 1.74 -6.92 4.19
C THR A 51 2.87 -7.69 3.51
N GLN A 52 2.53 -8.60 2.58
CA GLN A 52 3.57 -9.37 1.91
C GLN A 52 4.35 -8.49 0.94
N LEU A 53 3.69 -7.54 0.27
CA LEU A 53 4.43 -6.63 -0.60
C LEU A 53 5.47 -5.86 0.22
N CYS A 54 5.06 -5.34 1.38
CA CYS A 54 5.97 -4.57 2.20
C CYS A 54 7.10 -5.45 2.75
N GLN A 55 6.80 -6.70 3.13
CA GLN A 55 7.84 -7.61 3.61
C GLN A 55 8.86 -7.83 2.50
N TYR A 56 8.40 -7.84 1.24
CA TYR A 56 9.33 -8.02 0.13
C TYR A 56 10.14 -6.74 -0.10
N LEU A 57 9.47 -5.58 -0.09
CA LEU A 57 10.14 -4.31 -0.31
C LEU A 57 11.25 -4.09 0.72
N ASN A 58 11.11 -4.67 1.93
CA ASN A 58 12.12 -4.59 2.97
C ASN A 58 13.45 -5.21 2.54
N THR A 59 13.44 -6.14 1.58
CA THR A 59 14.65 -6.82 1.15
C THR A 59 15.37 -6.06 0.04
N LEU A 60 14.77 -4.99 -0.48
CA LEU A 60 15.36 -4.23 -1.57
C LEU A 60 16.13 -3.03 -1.01
N THR A 61 16.72 -2.23 -1.90
CA THR A 61 17.50 -1.07 -1.50
C THR A 61 16.69 0.21 -1.65
N LEU A 62 15.52 0.27 -1.02
CA LEU A 62 14.70 1.46 -1.10
C LEU A 62 15.41 2.62 -0.41
N ALA A 63 15.30 3.81 -1.00
CA ALA A 63 15.78 5.02 -0.39
C ALA A 63 14.75 5.40 0.66
N VAL A 64 15.19 5.73 1.88
CA VAL A 64 14.27 6.08 2.94
C VAL A 64 14.75 7.36 3.63
N PRO A 65 14.42 8.55 3.08
CA PRO A 65 14.83 9.79 3.71
C PRO A 65 13.98 10.15 4.93
N TYR A 66 14.33 11.26 5.58
N TYR A 66 14.54 11.05 5.76
CA TYR A 66 13.49 11.85 6.61
CA TYR A 66 13.96 11.50 7.01
C TYR A 66 12.28 12.46 5.90
C TYR A 66 12.54 12.02 6.78
N ASN A 67 11.11 12.36 6.51
N ASN A 67 12.34 12.73 5.67
CA ASN A 67 9.87 12.92 5.96
CA ASN A 67 11.05 13.30 5.32
C ASN A 67 9.70 12.46 4.51
C ASN A 67 10.61 12.66 4.00
N MET A 68 9.88 11.15 4.31
N MET A 68 10.20 11.40 4.09
CA MET A 68 9.75 10.51 3.02
CA MET A 68 9.87 10.64 2.89
C MET A 68 8.34 10.82 2.49
C MET A 68 8.43 10.95 2.48
N ARG A 69 8.18 10.84 1.15
CA ARG A 69 6.91 11.15 0.54
C ARG A 69 6.40 9.94 -0.25
N VAL A 70 5.22 9.45 0.13
CA VAL A 70 4.68 8.27 -0.50
C VAL A 70 3.28 8.59 -1.00
N ILE A 71 2.96 8.12 -2.22
CA ILE A 71 1.64 8.31 -2.80
C ILE A 71 1.11 6.93 -3.21
N HIS A 72 -0.18 6.71 -2.95
CA HIS A 72 -0.83 5.42 -3.13
C HIS A 72 -2.07 5.58 -4.00
N PHE A 73 -2.06 5.00 -5.20
CA PHE A 73 -3.17 5.06 -6.15
C PHE A 73 -4.05 3.81 -6.06
N GLY A 74 -5.35 4.02 -6.30
CA GLY A 74 -6.36 2.96 -6.27
C GLY A 74 -6.51 2.37 -4.87
N ALA A 75 -6.55 3.24 -3.85
CA ALA A 75 -6.54 2.83 -2.45
C ALA A 75 -7.92 2.50 -1.89
N GLY A 76 -8.99 2.89 -2.58
CA GLY A 76 -10.33 2.66 -2.07
C GLY A 76 -10.84 1.24 -2.28
N SER A 77 -11.45 0.66 -1.23
CA SER A 77 -12.05 -0.65 -1.33
C SER A 77 -13.53 -0.48 -1.68
N ASP A 78 -14.24 -1.59 -1.90
CA ASP A 78 -15.65 -1.57 -2.22
C ASP A 78 -16.47 -1.15 -0.99
N LYS A 79 -15.92 -1.44 0.20
CA LYS A 79 -16.59 -1.17 1.47
C LYS A 79 -16.42 0.29 1.89
N GLY A 80 -15.55 1.03 1.20
CA GLY A 80 -15.34 2.45 1.50
C GLY A 80 -14.22 2.71 2.51
N VAL A 81 -13.27 1.77 2.64
CA VAL A 81 -12.13 1.96 3.53
C VAL A 81 -10.85 1.74 2.72
N ALA A 82 -9.68 1.89 3.35
CA ALA A 82 -8.42 1.76 2.64
C ALA A 82 -7.45 0.84 3.39
N PRO A 83 -7.63 -0.49 3.30
CA PRO A 83 -6.77 -1.44 4.01
C PRO A 83 -5.30 -1.30 3.65
N GLY A 84 -5.04 -1.15 2.34
CA GLY A 84 -3.70 -1.00 1.83
C GLY A 84 -2.98 0.19 2.47
N THR A 85 -3.70 1.32 2.57
CA THR A 85 -3.14 2.54 3.15
C THR A 85 -2.79 2.31 4.61
N ALA A 86 -3.65 1.56 5.32
CA ALA A 86 -3.40 1.26 6.72
C ALA A 86 -2.11 0.44 6.88
N VAL A 87 -1.87 -0.50 5.96
CA VAL A 87 -0.66 -1.30 6.02
C VAL A 87 0.55 -0.42 5.71
N LEU A 88 0.46 0.42 4.68
CA LEU A 88 1.58 1.29 4.32
C LEU A 88 1.95 2.19 5.51
N ARG A 89 0.95 2.73 6.21
CA ARG A 89 1.20 3.61 7.34
C ARG A 89 1.87 2.87 8.49
N GLN A 90 1.51 1.59 8.66
CA GLN A 90 2.13 0.74 9.66
C GLN A 90 3.61 0.54 9.31
N TRP A 91 3.85 0.27 8.03
CA TRP A 91 5.16 -0.06 7.51
C TRP A 91 6.13 1.13 7.48
N LEU A 92 5.65 2.27 7.00
CA LEU A 92 6.47 3.45 6.80
C LEU A 92 6.88 4.07 8.14
N PRO A 93 8.03 4.77 8.18
CA PRO A 93 8.45 5.45 9.41
C PRO A 93 7.39 6.46 9.83
N THR A 94 7.23 6.62 11.14
CA THR A 94 6.29 7.59 11.67
C THR A 94 6.67 8.96 11.12
N GLY A 95 5.66 9.74 10.72
CA GLY A 95 5.94 11.07 10.18
C GLY A 95 6.05 11.08 8.66
N THR A 96 6.12 9.90 8.04
CA THR A 96 6.17 9.83 6.59
C THR A 96 4.88 10.44 6.04
N LEU A 97 5.03 11.30 5.03
CA LEU A 97 3.89 11.88 4.36
C LEU A 97 3.28 10.83 3.43
N LEU A 98 2.02 10.47 3.67
CA LEU A 98 1.33 9.47 2.88
C LEU A 98 0.03 10.06 2.33
N VAL A 99 -0.08 10.04 0.99
CA VAL A 99 -1.24 10.55 0.29
C VAL A 99 -1.83 9.39 -0.51
N ASP A 100 -3.15 9.24 -0.45
CA ASP A 100 -3.76 8.17 -1.23
C ASP A 100 -4.81 8.78 -2.16
N SER A 101 -5.37 7.93 -3.01
CA SER A 101 -6.24 8.38 -4.08
C SER A 101 -7.07 7.25 -4.66
N ASP A 102 -8.25 7.62 -5.20
CA ASP A 102 -9.09 6.68 -5.92
C ASP A 102 -10.20 7.47 -6.60
N LEU A 103 -10.97 6.79 -7.46
CA LEU A 103 -12.05 7.39 -8.23
C LEU A 103 -13.27 7.67 -7.36
N ASN A 104 -13.51 6.82 -6.35
CA ASN A 104 -14.68 6.97 -5.49
C ASN A 104 -14.25 7.35 -4.07
N ASP A 105 -15.21 7.84 -3.30
CA ASP A 105 -14.97 8.27 -1.93
C ASP A 105 -14.67 7.06 -1.04
N PHE A 106 -13.80 7.29 -0.04
CA PHE A 106 -13.46 6.28 0.94
C PHE A 106 -12.83 6.96 2.16
N VAL A 107 -12.81 6.23 3.28
CA VAL A 107 -12.23 6.67 4.54
C VAL A 107 -10.81 6.13 4.62
N SER A 108 -9.85 7.00 4.95
CA SER A 108 -8.43 6.62 4.93
C SER A 108 -7.65 7.14 6.13
N ASP A 109 -6.53 6.45 6.40
CA ASP A 109 -5.58 6.83 7.43
C ASP A 109 -4.47 7.70 6.84
N ALA A 110 -4.56 8.02 5.54
CA ALA A 110 -3.58 8.86 4.87
C ALA A 110 -3.65 10.29 5.38
N ASP A 111 -2.54 11.03 5.23
CA ASP A 111 -2.49 12.42 5.64
C ASP A 111 -3.41 13.26 4.73
N SER A 112 -3.62 12.78 3.51
CA SER A 112 -4.49 13.46 2.57
C SER A 112 -5.03 12.46 1.55
N THR A 113 -6.31 12.60 1.21
CA THR A 113 -7.00 11.70 0.29
C THR A 113 -7.58 12.50 -0.88
N LEU A 114 -7.27 12.05 -2.09
CA LEU A 114 -7.72 12.70 -3.32
C LEU A 114 -8.73 11.82 -4.04
N ILE A 115 -9.91 12.38 -4.37
CA ILE A 115 -10.95 11.66 -5.08
C ILE A 115 -11.08 12.27 -6.47
N GLY A 116 -11.09 11.41 -7.49
CA GLY A 116 -11.21 11.81 -8.89
C GLY A 116 -10.12 11.18 -9.75
N ASP A 117 -10.14 11.47 -11.05
CA ASP A 117 -9.14 10.91 -11.97
C ASP A 117 -7.94 11.86 -12.05
N CYS A 118 -6.86 11.37 -12.68
CA CYS A 118 -5.58 12.06 -12.82
C CYS A 118 -5.71 13.47 -13.39
N ALA A 119 -6.58 13.64 -14.39
CA ALA A 119 -6.73 14.93 -15.05
C ALA A 119 -7.28 16.00 -14.10
N THR A 120 -7.73 15.62 -12.89
CA THR A 120 -8.32 16.59 -11.99
C THR A 120 -7.44 16.85 -10.76
N VAL A 121 -6.29 16.17 -10.66
CA VAL A 121 -5.40 16.35 -9.52
C VAL A 121 -4.03 16.76 -10.04
N HIS A 122 -3.31 17.59 -9.28
CA HIS A 122 -2.02 18.10 -9.72
C HIS A 122 -1.10 18.44 -8.55
N THR A 123 0.20 18.25 -8.77
CA THR A 123 1.20 18.65 -7.81
C THR A 123 2.49 18.97 -8.56
N ALA A 124 3.27 19.92 -8.03
CA ALA A 124 4.55 20.26 -8.60
C ALA A 124 5.66 19.52 -7.85
N ASN A 125 5.28 18.84 -6.76
CA ASN A 125 6.21 18.14 -5.89
C ASN A 125 6.56 16.75 -6.40
N LYS A 126 7.77 16.32 -6.03
CA LYS A 126 8.28 15.00 -6.38
C LYS A 126 8.08 14.06 -5.20
N TRP A 127 8.04 12.75 -5.51
CA TRP A 127 7.75 11.70 -4.55
C TRP A 127 8.89 10.68 -4.51
N ASP A 128 8.96 9.94 -3.40
CA ASP A 128 10.02 8.99 -3.17
C ASP A 128 9.56 7.56 -3.42
N LEU A 129 8.26 7.32 -3.31
CA LEU A 129 7.71 5.99 -3.50
C LEU A 129 6.27 6.10 -3.98
N ILE A 130 5.96 5.32 -5.03
CA ILE A 130 4.63 5.27 -5.63
C ILE A 130 4.14 3.83 -5.55
N ILE A 131 2.96 3.64 -4.95
CA ILE A 131 2.33 2.34 -4.85
C ILE A 131 1.01 2.45 -5.61
N SER A 132 0.72 1.49 -6.50
CA SER A 132 -0.54 1.50 -7.21
C SER A 132 -1.26 0.16 -7.14
N ASP A 133 -2.54 0.20 -6.79
CA ASP A 133 -3.43 -0.95 -6.77
C ASP A 133 -4.57 -0.65 -7.73
N MET A 134 -4.33 0.29 -8.64
CA MET A 134 -5.36 0.70 -9.56
C MET A 134 -5.62 -0.48 -10.51
N TYR A 135 -6.89 -0.78 -10.73
CA TYR A 135 -7.31 -1.91 -11.55
C TYR A 135 -8.80 -1.79 -11.86
N ASP A 136 -9.14 -1.91 -13.15
CA ASP A 136 -10.53 -1.85 -13.59
C ASP A 136 -10.97 -3.28 -13.89
N PRO A 137 -11.95 -3.85 -13.15
CA PRO A 137 -12.36 -5.25 -13.36
C PRO A 137 -12.90 -5.58 -14.76
N LYS A 138 -13.42 -4.55 -15.46
CA LYS A 138 -13.98 -4.73 -16.79
C LYS A 138 -12.88 -4.80 -17.85
N THR A 139 -11.62 -4.62 -17.43
CA THR A 139 -10.49 -4.63 -18.34
C THR A 139 -10.31 -6.03 -18.93
N LYS A 140 -10.56 -7.06 -18.10
CA LYS A 140 -10.40 -8.45 -18.51
C LYS A 140 -11.49 -8.83 -19.50
N ASN A 141 -11.05 -9.26 -20.69
CA ASN A 141 -11.94 -9.70 -21.75
C ASN A 141 -11.20 -10.79 -22.51
N VAL A 142 -11.56 -12.05 -22.23
CA VAL A 142 -10.90 -13.21 -22.84
C VAL A 142 -11.41 -13.46 -24.26
N THR A 143 -12.41 -12.69 -24.72
CA THR A 143 -12.94 -12.93 -26.05
C THR A 143 -12.28 -12.00 -27.07
N LYS A 144 -11.34 -11.14 -26.62
CA LYS A 144 -10.68 -10.23 -27.53
C LYS A 144 -9.18 -10.31 -27.28
N GLU A 145 -8.38 -9.68 -28.15
CA GLU A 145 -6.93 -9.78 -28.03
C GLU A 145 -6.47 -9.01 -26.80
N ASN A 146 -5.43 -9.53 -26.15
CA ASN A 146 -4.87 -8.91 -24.96
C ASN A 146 -3.78 -7.93 -25.38
N ASP A 147 -4.16 -6.67 -25.64
CA ASP A 147 -3.22 -5.63 -26.04
C ASP A 147 -2.86 -4.75 -24.84
N SER A 148 -1.80 -3.96 -25.03
CA SER A 148 -1.35 -3.01 -24.04
C SER A 148 -2.51 -2.07 -23.71
N LYS A 149 -2.75 -1.83 -22.42
CA LYS A 149 -3.85 -0.98 -22.00
C LYS A 149 -3.34 0.46 -21.89
N GLU A 150 -4.12 1.40 -22.43
CA GLU A 150 -3.75 2.82 -22.51
C GLU A 150 -4.82 3.70 -21.87
N GLY A 151 -4.98 3.58 -20.56
CA GLY A 151 -5.90 4.41 -19.78
C GLY A 151 -5.13 5.01 -18.61
N PHE A 152 -5.40 4.53 -17.40
CA PHE A 152 -4.72 5.07 -16.22
C PHE A 152 -3.22 4.78 -16.31
N PHE A 153 -2.82 3.73 -17.04
CA PHE A 153 -1.40 3.40 -17.16
C PHE A 153 -0.61 4.51 -17.85
N THR A 154 -1.21 5.24 -18.79
CA THR A 154 -0.49 6.31 -19.45
C THR A 154 -0.20 7.41 -18.42
N TYR A 155 -1.13 7.61 -17.49
CA TYR A 155 -0.99 8.59 -16.43
C TYR A 155 0.08 8.16 -15.43
N ILE A 156 0.12 6.85 -15.10
CA ILE A 156 1.14 6.33 -14.19
C ILE A 156 2.52 6.58 -14.78
N CYS A 157 2.71 6.26 -16.07
CA CYS A 157 3.98 6.47 -16.75
C CYS A 157 4.35 7.95 -16.73
N GLY A 158 3.38 8.81 -17.05
CA GLY A 158 3.64 10.25 -17.04
C GLY A 158 4.05 10.74 -15.65
N PHE A 159 3.40 10.19 -14.62
CA PHE A 159 3.65 10.60 -13.25
C PHE A 159 5.06 10.21 -12.84
N ILE A 160 5.48 9.00 -13.22
CA ILE A 160 6.81 8.53 -12.89
C ILE A 160 7.87 9.42 -13.54
N GLN A 161 7.75 9.65 -14.85
CA GLN A 161 8.75 10.41 -15.59
C GLN A 161 8.79 11.90 -15.21
N GLN A 162 7.78 12.40 -14.50
CA GLN A 162 7.77 13.81 -14.17
C GLN A 162 7.79 14.07 -12.67
N LYS A 163 7.25 13.16 -11.85
CA LYS A 163 7.10 13.45 -10.43
C LYS A 163 7.84 12.47 -9.52
N LEU A 164 8.55 11.48 -10.08
CA LEU A 164 9.29 10.56 -9.23
C LEU A 164 10.72 11.08 -9.08
N ALA A 165 11.17 11.20 -7.83
CA ALA A 165 12.50 11.65 -7.53
C ALA A 165 13.52 10.61 -7.98
N LEU A 166 14.68 11.07 -8.46
CA LEU A 166 15.74 10.14 -8.81
C LEU A 166 16.09 9.41 -7.51
N GLY A 167 16.22 8.08 -7.59
CA GLY A 167 16.49 7.27 -6.41
C GLY A 167 15.21 6.67 -5.84
N GLY A 168 14.06 7.17 -6.32
CA GLY A 168 12.77 6.70 -5.88
C GLY A 168 12.44 5.32 -6.45
N SER A 169 11.36 4.72 -5.94
CA SER A 169 10.94 3.39 -6.33
C SER A 169 9.43 3.35 -6.56
N VAL A 170 8.96 2.30 -7.25
CA VAL A 170 7.54 2.13 -7.51
C VAL A 170 7.16 0.66 -7.35
N ALA A 171 5.87 0.43 -7.05
CA ALA A 171 5.26 -0.88 -7.00
C ALA A 171 3.87 -0.72 -7.63
N ILE A 172 3.72 -1.23 -8.86
CA ILE A 172 2.50 -1.03 -9.64
C ILE A 172 1.83 -2.36 -9.94
N LYS A 173 0.55 -2.47 -9.57
CA LYS A 173 -0.18 -3.70 -9.80
C LYS A 173 -0.52 -3.88 -11.27
N ILE A 174 -0.26 -5.09 -11.78
CA ILE A 174 -0.62 -5.52 -13.12
C ILE A 174 -1.28 -6.89 -13.01
N THR A 175 -1.90 -7.31 -14.11
CA THR A 175 -2.52 -8.64 -14.20
C THR A 175 -2.31 -9.12 -15.64
N GLU A 176 -2.81 -10.30 -15.96
CA GLU A 176 -2.70 -10.79 -17.32
C GLU A 176 -3.23 -9.74 -18.29
N HIS A 177 -4.42 -9.17 -18.00
CA HIS A 177 -5.06 -8.24 -18.91
C HIS A 177 -4.85 -6.76 -18.56
N SER A 178 -4.49 -6.46 -17.31
CA SER A 178 -4.27 -5.07 -16.91
C SER A 178 -2.77 -4.79 -16.94
N TRP A 179 -2.26 -4.31 -18.07
CA TRP A 179 -0.84 -4.06 -18.23
C TRP A 179 -0.61 -3.02 -19.31
N ASN A 180 0.63 -2.54 -19.40
CA ASN A 180 0.99 -1.53 -20.36
C ASN A 180 2.46 -1.69 -20.76
N ALA A 181 2.70 -1.66 -22.08
CA ALA A 181 4.00 -1.87 -22.68
C ALA A 181 5.00 -0.79 -22.26
N ASP A 182 4.55 0.48 -22.22
CA ASP A 182 5.44 1.57 -21.85
C ASP A 182 5.90 1.47 -20.39
N LEU A 183 5.04 0.94 -19.52
CA LEU A 183 5.41 0.81 -18.12
C LEU A 183 6.56 -0.20 -17.99
N TYR A 184 6.47 -1.33 -18.70
CA TYR A 184 7.56 -2.29 -18.68
C TYR A 184 8.85 -1.65 -19.17
N LYS A 185 8.76 -0.89 -20.26
CA LYS A 185 9.91 -0.22 -20.84
C LYS A 185 10.53 0.74 -19.82
N LEU A 186 9.66 1.36 -19.01
CA LEU A 186 10.09 2.34 -18.03
C LEU A 186 10.81 1.66 -16.87
N MET A 187 10.59 0.35 -16.70
CA MET A 187 11.26 -0.39 -15.64
C MET A 187 12.76 -0.36 -15.91
N GLY A 188 13.13 -0.23 -17.19
CA GLY A 188 14.52 -0.16 -17.60
C GLY A 188 15.21 1.15 -17.19
N HIS A 189 14.42 2.10 -16.65
CA HIS A 189 14.95 3.37 -16.19
C HIS A 189 15.29 3.32 -14.70
N PHE A 190 15.18 2.12 -14.11
CA PHE A 190 15.51 1.94 -12.70
C PHE A 190 16.79 1.10 -12.60
N ALA A 191 17.46 1.17 -11.44
CA ALA A 191 18.68 0.41 -11.22
C ALA A 191 18.40 -1.09 -11.23
N TRP A 192 17.18 -1.47 -10.84
CA TRP A 192 16.78 -2.87 -10.78
C TRP A 192 15.25 -2.93 -10.89
N TRP A 193 14.71 -4.03 -11.40
CA TRP A 193 13.26 -4.17 -11.45
C TRP A 193 12.88 -5.65 -11.36
N THR A 194 11.61 -5.91 -11.04
CA THR A 194 11.10 -7.26 -11.06
C THR A 194 9.58 -7.22 -11.09
N ALA A 195 8.99 -8.41 -11.25
CA ALA A 195 7.56 -8.63 -11.14
C ALA A 195 7.42 -9.54 -9.92
N PHE A 196 6.67 -9.08 -8.93
CA PHE A 196 6.54 -9.80 -7.66
C PHE A 196 5.12 -10.29 -7.44
N VAL A 197 5.00 -11.57 -7.11
CA VAL A 197 3.72 -12.21 -6.84
C VAL A 197 3.64 -12.52 -5.33
N THR A 198 2.61 -12.00 -4.66
CA THR A 198 2.43 -12.31 -3.26
C THR A 198 1.99 -13.77 -3.12
N ASN A 199 2.45 -14.44 -2.06
CA ASN A 199 2.11 -15.83 -1.81
C ASN A 199 0.62 -15.99 -1.48
N VAL A 200 -0.03 -14.99 -0.86
CA VAL A 200 -1.45 -15.15 -0.53
C VAL A 200 -2.33 -15.04 -1.78
N ASN A 201 -1.84 -14.45 -2.87
CA ASN A 201 -2.70 -14.26 -4.02
C ASN A 201 -2.09 -14.93 -5.27
N ALA A 202 -1.29 -15.98 -5.06
CA ALA A 202 -0.56 -16.66 -6.12
C ALA A 202 -1.46 -17.40 -7.11
N SER A 203 -2.76 -17.54 -6.81
CA SER A 203 -3.70 -18.19 -7.71
C SER A 203 -4.22 -17.20 -8.75
N SER A 204 -3.79 -15.94 -8.65
CA SER A 204 -4.17 -14.87 -9.57
C SER A 204 -2.99 -14.50 -10.47
N SER A 205 -3.31 -13.93 -11.66
CA SER A 205 -2.31 -13.44 -12.59
C SER A 205 -1.73 -12.10 -12.11
N GLU A 206 -2.27 -11.58 -11.01
CA GLU A 206 -1.79 -10.34 -10.43
C GLU A 206 -0.31 -10.41 -10.05
N ALA A 207 0.37 -9.28 -10.22
CA ALA A 207 1.73 -9.10 -9.79
C ALA A 207 1.96 -7.61 -9.60
N PHE A 208 3.03 -7.28 -8.88
CA PHE A 208 3.46 -5.91 -8.70
C PHE A 208 4.73 -5.70 -9.51
N LEU A 209 4.67 -4.79 -10.49
CA LEU A 209 5.88 -4.37 -11.17
C LEU A 209 6.61 -3.44 -10.21
N ILE A 210 7.82 -3.85 -9.83
CA ILE A 210 8.63 -3.11 -8.89
C ILE A 210 9.86 -2.54 -9.58
N GLY A 211 9.94 -1.20 -9.54
CA GLY A 211 11.08 -0.45 -10.05
C GLY A 211 11.84 0.10 -8.85
N CYS A 212 13.10 -0.28 -8.71
CA CYS A 212 13.86 0.11 -7.54
C CYS A 212 15.02 1.05 -7.92
N ASN A 213 14.97 2.27 -7.39
CA ASN A 213 15.96 3.34 -7.56
C ASN A 213 15.92 3.89 -8.98
N TYR A 214 15.08 4.92 -9.20
CA TYR A 214 14.87 5.56 -10.49
C TYR A 214 16.10 6.37 -10.91
N LEU A 215 16.55 6.16 -12.16
CA LEU A 215 17.74 6.81 -12.67
C LEU A 215 17.38 7.94 -13.64
N GLY A 216 16.11 7.98 -14.08
CA GLY A 216 15.63 9.04 -14.96
C GLY A 216 16.10 8.89 -16.41
N LYS A 217 16.69 7.74 -16.73
CA LYS A 217 17.20 7.47 -18.06
C LYS A 217 17.22 5.96 -18.27
N PRO A 218 17.13 5.47 -19.51
CA PRO A 218 17.15 4.03 -19.76
C PRO A 218 18.52 3.39 -19.51
N ARG A 219 18.59 2.58 -18.46
CA ARG A 219 19.77 1.80 -18.14
C ARG A 219 19.81 0.62 -19.12
N GLU A 220 18.63 0.06 -19.40
CA GLU A 220 18.50 -1.04 -20.36
C GLU A 220 17.25 -0.81 -21.21
N GLN A 221 17.30 -1.29 -22.45
CA GLN A 221 16.18 -1.20 -23.39
C GLN A 221 15.29 -2.42 -23.19
N ILE A 222 14.03 -2.18 -22.84
CA ILE A 222 13.06 -3.24 -22.62
C ILE A 222 11.87 -3.05 -23.57
N ASP A 223 11.53 -4.12 -24.28
CA ASP A 223 10.36 -4.18 -25.14
C ASP A 223 9.21 -4.66 -24.25
N GLY A 224 8.25 -3.78 -23.98
CA GLY A 224 7.15 -4.07 -23.08
C GLY A 224 6.23 -5.20 -23.51
N TYR A 225 6.01 -5.33 -24.83
CA TYR A 225 5.15 -6.39 -25.35
C TYR A 225 5.78 -7.74 -25.05
N VAL A 226 7.09 -7.84 -25.27
CA VAL A 226 7.81 -9.07 -25.04
C VAL A 226 7.93 -9.35 -23.54
N MET A 227 8.12 -8.30 -22.73
CA MET A 227 8.37 -8.59 -21.34
C MET A 227 7.07 -9.07 -20.69
N HIS A 228 5.92 -8.58 -21.15
CA HIS A 228 4.67 -9.05 -20.56
C HIS A 228 4.47 -10.51 -20.93
N ALA A 229 4.86 -10.87 -22.16
CA ALA A 229 4.79 -12.26 -22.61
C ALA A 229 5.70 -13.13 -21.74
N ASN A 230 6.88 -12.61 -21.41
CA ASN A 230 7.84 -13.31 -20.57
C ASN A 230 7.23 -13.55 -19.19
N TYR A 231 6.53 -12.52 -18.67
CA TYR A 231 5.85 -12.60 -17.38
C TYR A 231 4.82 -13.72 -17.40
N ILE A 232 3.97 -13.76 -18.43
CA ILE A 232 2.93 -14.78 -18.50
C ILE A 232 3.55 -16.17 -18.63
N PHE A 233 4.60 -16.30 -19.44
CA PHE A 233 5.29 -17.57 -19.61
C PHE A 233 5.79 -18.08 -18.25
N TRP A 234 6.39 -17.19 -17.47
CA TRP A 234 6.86 -17.54 -16.13
C TRP A 234 5.70 -18.05 -15.28
N ARG A 235 4.59 -17.30 -15.26
CA ARG A 235 3.43 -17.67 -14.45
C ARG A 235 2.83 -19.00 -14.89
N ASN A 236 2.76 -19.24 -16.20
CA ASN A 236 2.16 -20.45 -16.74
C ASN A 236 2.99 -21.70 -16.48
N THR A 237 4.31 -21.55 -16.34
CA THR A 237 5.16 -22.71 -16.18
C THR A 237 5.71 -22.86 -14.76
N ASN A 238 5.37 -21.94 -13.86
CA ASN A 238 5.86 -22.02 -12.49
C ASN A 238 4.72 -21.88 -11.49
N PRO A 239 4.06 -22.99 -11.11
CA PRO A 239 2.99 -22.94 -10.13
C PRO A 239 3.56 -22.41 -8.81
N ILE A 240 2.88 -21.43 -8.21
CA ILE A 240 3.29 -20.90 -6.94
C ILE A 240 2.31 -21.40 -5.88
N GLN A 241 2.85 -22.04 -4.85
CA GLN A 241 2.03 -22.56 -3.76
C GLN A 241 1.48 -21.40 -2.94
N LEU A 242 0.15 -21.39 -2.76
CA LEU A 242 -0.53 -20.40 -1.91
C LEU A 242 0.01 -20.54 -0.49
N SER A 243 0.35 -19.40 0.12
CA SER A 243 0.92 -19.43 1.45
C SER A 243 0.73 -18.12 2.17
N SER A 244 0.37 -18.20 3.45
CA SER A 244 0.23 -17.05 4.31
C SER A 244 1.25 -17.15 5.45
N TYR A 245 2.23 -18.06 5.31
CA TYR A 245 3.20 -18.32 6.35
C TYR A 245 3.90 -17.04 6.83
N SER A 246 4.29 -16.15 5.91
CA SER A 246 5.07 -14.97 6.27
C SER A 246 4.26 -13.99 7.13
N LEU A 247 2.93 -14.08 7.08
CA LEU A 247 2.05 -13.19 7.83
C LEU A 247 2.14 -13.44 9.33
N PHE A 248 2.65 -14.61 9.73
CA PHE A 248 2.69 -14.92 11.15
C PHE A 248 3.96 -14.43 11.86
N ASP A 249 4.88 -13.77 11.14
CA ASP A 249 6.09 -13.23 11.75
C ASP A 249 6.23 -11.78 11.28
N MET A 250 5.88 -10.85 12.17
CA MET A 250 5.82 -9.42 11.87
C MET A 250 6.87 -8.66 12.69
N SER A 251 7.81 -9.39 13.32
CA SER A 251 8.77 -8.74 14.19
C SER A 251 9.74 -7.82 13.43
N LYS A 252 10.04 -8.12 12.16
CA LYS A 252 10.96 -7.29 11.39
C LYS A 252 10.22 -6.49 10.32
N PHE A 253 8.92 -6.25 10.52
CA PHE A 253 8.09 -5.65 9.49
C PHE A 253 8.41 -4.18 9.16
N PRO A 254 8.52 -3.26 10.14
CA PRO A 254 8.70 -1.84 9.83
C PRO A 254 9.90 -1.53 8.94
N LEU A 255 9.70 -0.65 7.95
CA LEU A 255 10.77 -0.24 7.08
C LEU A 255 11.84 0.47 7.90
N LYS A 256 13.10 -0.01 7.83
CA LYS A 256 14.17 0.61 8.61
C LYS A 256 14.45 2.00 8.09
N LEU A 257 14.63 2.95 9.01
CA LEU A 257 14.97 4.30 8.64
C LEU A 257 16.44 4.31 8.25
N ARG A 258 16.74 4.84 7.06
CA ARG A 258 18.11 4.90 6.58
C ARG A 258 18.60 6.35 6.65
N GLY A 259 17.66 7.30 6.76
CA GLY A 259 18.02 8.71 6.78
C GLY A 259 18.77 9.08 5.49
N THR A 260 18.26 8.59 4.36
CA THR A 260 18.85 8.80 3.05
C THR A 260 18.92 10.28 2.70
N ALA A 261 20.08 10.71 2.20
CA ALA A 261 20.31 12.10 1.83
C ALA A 261 19.43 12.53 0.66
N VAL A 262 18.86 13.73 0.77
CA VAL A 262 18.06 14.36 -0.26
C VAL A 262 18.84 15.56 -0.77
N MET A 263 19.06 15.63 -2.08
CA MET A 263 19.83 16.71 -2.68
C MET A 263 19.11 17.23 -3.92
N SER A 264 19.27 18.53 -4.18
CA SER A 264 18.69 19.14 -5.36
C SER A 264 19.81 19.40 -6.37
N LEU A 265 19.88 18.56 -7.40
CA LEU A 265 20.87 18.66 -8.46
C LEU A 265 20.16 18.86 -9.79
N LYS A 266 20.91 19.31 -10.80
CA LYS A 266 20.38 19.48 -12.15
C LYS A 266 20.98 18.38 -13.04
N GLU A 267 20.37 18.17 -14.21
CA GLU A 267 20.77 17.13 -15.13
C GLU A 267 22.25 17.27 -15.54
N GLY A 268 22.79 18.48 -15.46
CA GLY A 268 24.18 18.72 -15.80
C GLY A 268 25.15 18.33 -14.69
N GLN A 269 24.62 17.91 -13.53
CA GLN A 269 25.44 17.53 -12.39
C GLN A 269 25.37 16.02 -12.13
N ILE A 270 24.41 15.34 -12.76
N ILE A 270 24.41 15.34 -12.76
CA ILE A 270 24.23 13.90 -12.59
CA ILE A 270 24.23 13.90 -12.56
C ILE A 270 25.36 13.16 -13.28
C ILE A 270 25.36 13.16 -13.28
N ASN A 271 26.47 12.95 -12.56
CA ASN A 271 27.63 12.25 -13.08
C ASN A 271 27.47 10.76 -12.78
N ASP A 272 28.49 9.96 -13.13
CA ASP A 272 28.43 8.52 -12.97
C ASP A 272 28.57 8.10 -11.50
N MET A 273 29.09 8.99 -10.63
CA MET A 273 29.23 8.60 -9.23
C MET A 273 27.90 8.88 -8.51
N ILE A 274 27.12 9.82 -9.04
CA ILE A 274 25.79 10.10 -8.51
C ILE A 274 24.90 8.90 -8.82
N LEU A 275 25.01 8.40 -10.07
CA LEU A 275 24.25 7.23 -10.50
C LEU A 275 24.56 6.04 -9.60
N SER A 276 25.82 5.92 -9.16
N SER A 276 25.82 5.92 -9.17
CA SER A 276 26.22 4.81 -8.30
CA SER A 276 26.24 4.82 -8.31
C SER A 276 25.49 4.90 -6.96
C SER A 276 25.52 4.91 -6.95
N LEU A 277 25.42 6.12 -6.41
CA LEU A 277 24.73 6.34 -5.13
C LEU A 277 23.24 6.06 -5.27
N LEU A 278 22.64 6.58 -6.36
CA LEU A 278 21.22 6.35 -6.62
C LEU A 278 20.93 4.85 -6.66
N SER A 279 21.79 4.11 -7.37
CA SER A 279 21.63 2.68 -7.60
C SER A 279 21.69 1.84 -6.33
N LYS A 280 22.32 2.36 -5.28
CA LYS A 280 22.45 1.63 -4.02
C LYS A 280 21.43 2.11 -3.00
N GLY A 281 20.50 2.96 -3.44
CA GLY A 281 19.49 3.51 -2.54
C GLY A 281 20.10 4.43 -1.49
N ARG A 282 21.20 5.11 -1.83
CA ARG A 282 21.86 6.00 -0.88
C ARG A 282 21.61 7.47 -1.21
N LEU A 283 20.78 7.76 -2.21
CA LEU A 283 20.53 9.16 -2.52
C LEU A 283 19.19 9.35 -3.22
N ILE A 284 18.54 10.47 -2.86
CA ILE A 284 17.29 10.96 -3.45
C ILE A 284 17.57 12.34 -4.01
N ILE A 285 17.19 12.56 -5.27
CA ILE A 285 17.39 13.87 -5.89
C ILE A 285 16.03 14.48 -6.21
N ARG A 286 15.74 15.56 -5.47
CA ARG A 286 14.54 16.37 -5.62
C ARG A 286 14.64 17.56 -4.68
N GLU A 287 13.80 18.57 -4.88
CA GLU A 287 13.75 19.69 -3.96
C GLU A 287 12.95 19.24 -2.74
N ASN A 288 12.95 20.06 -1.69
CA ASN A 288 12.24 19.72 -0.46
C ASN A 288 11.34 20.89 -0.07
N ASN A 289 10.48 21.30 -1.01
CA ASN A 289 9.56 22.39 -0.76
C ASN A 289 8.31 21.83 -0.08
N ARG A 290 7.49 22.73 0.48
CA ARG A 290 6.23 22.36 1.11
C ARG A 290 5.41 21.57 0.09
N VAL A 291 4.74 20.52 0.55
CA VAL A 291 3.98 19.66 -0.37
C VAL A 291 2.56 20.21 -0.50
N VAL A 292 2.23 20.56 -1.76
CA VAL A 292 0.94 21.12 -2.10
C VAL A 292 0.34 20.27 -3.22
N ILE A 293 -0.90 19.84 -3.00
CA ILE A 293 -1.66 19.07 -3.97
C ILE A 293 -2.92 19.86 -4.33
N SER A 294 -3.17 20.00 -5.63
CA SER A 294 -4.30 20.74 -6.14
C SER A 294 -5.36 19.77 -6.65
N SER A 295 -6.63 20.16 -6.47
CA SER A 295 -7.76 19.37 -6.91
C SER A 295 -8.68 20.27 -7.73
N ASP A 296 -8.91 19.90 -9.00
CA ASP A 296 -9.73 20.67 -9.94
C ASP A 296 -11.21 20.34 -9.80
N VAL A 297 -12.04 21.36 -10.03
CA VAL A 297 -13.48 21.22 -9.95
C VAL A 297 -14.11 21.83 -11.21
N LEU A 298 -14.82 21.01 -11.97
CA LEU A 298 -15.54 21.49 -13.14
C LEU A 298 -16.82 22.14 -12.59
N VAL A 299 -16.98 23.43 -12.87
CA VAL A 299 -18.12 24.18 -12.38
C VAL A 299 -19.09 24.37 -13.53
N ASN A 300 -20.39 24.19 -13.24
CA ASN A 300 -21.44 24.34 -14.24
C ASN A 300 -22.78 24.54 -13.54
N ASN A 301 -23.72 25.18 -14.25
CA ASN A 301 -25.06 25.44 -13.75
C ASN A 301 -26.06 24.72 -14.66
N ALA B 26 -25.81 11.06 17.75
CA ALA B 26 -24.92 10.29 16.85
C ALA B 26 -24.37 9.07 17.57
N ALA B 27 -23.65 9.32 18.68
CA ALA B 27 -23.06 8.26 19.49
C ALA B 27 -24.13 7.61 20.37
N LYS B 28 -25.19 8.36 20.65
CA LYS B 28 -26.28 7.89 21.49
C LYS B 28 -27.14 6.90 20.71
N ALA B 29 -27.40 7.24 19.45
CA ALA B 29 -28.25 6.44 18.57
C ALA B 29 -27.64 5.07 18.29
N TYR B 30 -26.30 5.00 18.21
CA TYR B 30 -25.63 3.74 17.92
C TYR B 30 -25.80 2.77 19.09
N LYS B 31 -25.67 3.30 20.32
CA LYS B 31 -25.83 2.52 21.54
C LYS B 31 -27.20 1.83 21.55
N ASP B 32 -28.25 2.58 21.20
CA ASP B 32 -29.61 2.08 21.20
C ASP B 32 -29.89 1.26 19.94
N TYR B 33 -29.17 1.55 18.84
CA TYR B 33 -29.37 0.81 17.60
C TYR B 33 -29.03 -0.66 17.78
N LEU B 34 -28.10 -0.96 18.69
CA LEU B 34 -27.69 -2.33 18.95
C LEU B 34 -28.89 -3.18 19.39
N ALA B 35 -29.87 -2.54 20.05
CA ALA B 35 -31.06 -3.23 20.49
C ALA B 35 -31.91 -3.67 19.30
N SER B 36 -32.73 -4.71 19.52
N SER B 36 -32.73 -4.71 19.52
CA SER B 36 -33.62 -5.28 18.51
CA SER B 36 -33.62 -5.29 18.52
C SER B 36 -32.81 -5.81 17.34
C SER B 36 -32.81 -5.81 17.34
N GLY B 37 -31.75 -6.57 17.64
CA GLY B 37 -30.90 -7.17 16.62
C GLY B 37 -30.18 -6.13 15.76
N GLY B 38 -29.51 -5.18 16.41
CA GLY B 38 -28.77 -4.13 15.72
C GLY B 38 -27.48 -4.67 15.09
N GLN B 39 -27.28 -4.35 13.81
CA GLN B 39 -26.10 -4.81 13.08
C GLN B 39 -24.93 -3.89 13.38
N PRO B 40 -23.80 -4.42 13.91
CA PRO B 40 -22.63 -3.60 14.22
C PRO B 40 -21.82 -3.28 12.98
N ILE B 41 -21.25 -2.05 12.94
CA ILE B 41 -20.45 -1.63 11.80
C ILE B 41 -19.31 -2.62 11.59
N THR B 42 -19.22 -3.13 10.35
CA THR B 42 -18.20 -4.08 9.98
C THR B 42 -17.20 -3.42 9.03
N ASN B 43 -16.29 -4.24 8.50
CA ASN B 43 -15.29 -3.78 7.55
C ASN B 43 -14.25 -2.89 8.23
N CYS B 44 -14.12 -3.03 9.56
CA CYS B 44 -13.03 -2.34 10.23
C CYS B 44 -11.76 -3.09 9.81
N VAL B 45 -10.71 -2.33 9.50
CA VAL B 45 -9.46 -2.89 8.99
C VAL B 45 -8.61 -3.45 10.13
N LYS B 46 -8.55 -4.79 10.24
CA LYS B 46 -7.75 -5.41 11.27
C LYS B 46 -6.33 -5.60 10.71
N MET B 47 -5.33 -5.31 11.55
CA MET B 47 -3.94 -5.31 11.12
C MET B 47 -3.24 -6.58 11.58
N LEU B 48 -2.18 -6.95 10.85
CA LEU B 48 -1.27 -8.00 11.25
C LEU B 48 -0.25 -7.36 12.18
N CYS B 49 0.06 -8.05 13.29
CA CYS B 49 1.05 -7.58 14.24
C CYS B 49 1.53 -8.76 15.07
N THR B 50 2.54 -8.51 15.92
CA THR B 50 3.16 -9.54 16.74
C THR B 50 2.31 -9.91 17.95
N HIS B 51 1.45 -8.99 18.39
CA HIS B 51 0.65 -9.15 19.59
C HIS B 51 1.54 -9.22 20.82
N THR B 52 2.67 -8.49 20.77
CA THR B 52 3.60 -8.37 21.88
C THR B 52 3.80 -6.88 22.17
N GLY B 53 2.76 -6.08 21.89
CA GLY B 53 2.83 -4.63 22.05
C GLY B 53 2.55 -4.17 23.47
N THR B 54 2.62 -2.84 23.66
CA THR B 54 2.43 -2.18 24.94
C THR B 54 1.00 -2.37 25.45
N GLY B 55 0.06 -2.49 24.51
CA GLY B 55 -1.35 -2.68 24.87
C GLY B 55 -2.10 -1.36 25.10
N GLN B 56 -1.47 -0.22 24.77
CA GLN B 56 -2.13 1.07 24.90
C GLN B 56 -3.28 1.16 23.90
N ALA B 57 -4.27 2.00 24.23
CA ALA B 57 -5.50 2.18 23.48
C ALA B 57 -5.29 2.71 22.05
N ILE B 58 -4.67 3.89 21.90
CA ILE B 58 -4.46 4.50 20.59
C ILE B 58 -2.98 4.78 20.42
N THR B 59 -2.41 4.36 19.28
CA THR B 59 -0.98 4.47 19.05
C THR B 59 -0.65 4.77 17.59
N VAL B 60 0.61 5.16 17.35
CA VAL B 60 1.10 5.54 16.02
C VAL B 60 1.33 4.31 15.15
N THR B 61 1.47 3.14 15.79
CA THR B 61 1.66 1.87 15.10
C THR B 61 0.93 0.82 15.94
N PRO B 62 0.54 -0.36 15.39
CA PRO B 62 -0.14 -1.38 16.18
C PRO B 62 0.63 -1.76 17.44
N GLU B 63 -0.07 -1.80 18.58
CA GLU B 63 0.53 -2.09 19.88
C GLU B 63 -0.32 -3.11 20.65
N ALA B 64 -1.06 -3.96 19.93
CA ALA B 64 -1.88 -4.97 20.59
C ALA B 64 -1.01 -5.94 21.37
N ASN B 65 -1.53 -6.41 22.51
CA ASN B 65 -0.88 -7.43 23.33
C ASN B 65 -1.57 -8.76 23.01
N MET B 66 -1.36 -9.77 23.87
N MET B 66 -1.33 -9.82 23.80
CA MET B 66 -1.88 -11.12 23.69
CA MET B 66 -1.95 -11.09 23.54
C MET B 66 -3.41 -11.18 23.74
C MET B 66 -3.47 -10.99 23.48
N ASP B 67 -4.04 -10.18 24.38
CA ASP B 67 -5.49 -10.12 24.51
C ASP B 67 -6.10 -8.99 23.69
N GLN B 68 -5.44 -8.56 22.62
CA GLN B 68 -5.99 -7.47 21.82
C GLN B 68 -5.79 -7.70 20.32
N GLU B 69 -6.55 -6.90 19.57
CA GLU B 69 -6.47 -6.81 18.12
C GLU B 69 -6.21 -5.35 17.81
N SER B 70 -5.45 -5.06 16.75
CA SER B 70 -5.19 -3.70 16.32
C SER B 70 -5.96 -3.44 15.03
N PHE B 71 -6.60 -2.27 14.95
CA PHE B 71 -7.36 -1.87 13.79
C PHE B 71 -6.92 -0.50 13.30
N GLY B 72 -6.99 -0.28 11.98
CA GLY B 72 -6.71 1.05 11.46
C GLY B 72 -7.74 2.01 12.05
N GLY B 73 -7.25 3.12 12.62
CA GLY B 73 -8.05 4.09 13.35
C GLY B 73 -9.27 4.65 12.60
N ALA B 74 -9.04 5.13 11.37
CA ALA B 74 -10.11 5.75 10.60
C ALA B 74 -11.30 4.81 10.40
N SER B 75 -11.03 3.51 10.21
CA SER B 75 -12.10 2.54 9.94
C SER B 75 -12.92 2.22 11.20
N CYS B 76 -12.44 2.65 12.37
CA CYS B 76 -13.13 2.39 13.63
C CYS B 76 -13.77 3.66 14.19
N CYS B 77 -13.70 4.76 13.44
CA CYS B 77 -14.24 6.03 13.88
C CYS B 77 -15.61 6.27 13.24
N LEU B 78 -16.63 6.38 14.09
CA LEU B 78 -18.01 6.59 13.66
C LEU B 78 -18.13 7.85 12.82
N TYR B 79 -17.45 8.92 13.24
CA TYR B 79 -17.51 10.20 12.56
C TYR B 79 -16.91 10.08 11.16
N CYS B 80 -15.77 9.39 11.02
CA CYS B 80 -15.15 9.20 9.72
C CYS B 80 -16.03 8.31 8.82
N ARG B 81 -16.53 7.20 9.38
CA ARG B 81 -17.34 6.24 8.63
C ARG B 81 -18.62 6.86 8.08
N CYS B 82 -19.32 7.65 8.91
CA CYS B 82 -20.58 8.26 8.51
C CYS B 82 -20.39 9.57 7.75
N HIS B 83 -19.14 10.04 7.64
CA HIS B 83 -18.83 11.29 6.96
C HIS B 83 -19.54 12.47 7.62
N ILE B 84 -19.48 12.53 8.96
CA ILE B 84 -20.07 13.61 9.71
C ILE B 84 -18.95 14.28 10.52
N ASP B 85 -19.23 15.51 10.98
CA ASP B 85 -18.28 16.31 11.72
C ASP B 85 -17.92 15.62 13.05
N HIS B 86 -16.69 15.86 13.50
CA HIS B 86 -16.22 15.33 14.77
C HIS B 86 -16.62 16.29 15.89
N PRO B 87 -16.94 15.78 17.10
CA PRO B 87 -17.42 16.63 18.21
C PRO B 87 -16.52 17.79 18.65
N ASN B 88 -15.21 17.69 18.42
CA ASN B 88 -14.30 18.75 18.81
C ASN B 88 -14.58 20.00 17.96
N PRO B 89 -14.72 21.20 18.56
CA PRO B 89 -14.97 22.43 17.81
C PRO B 89 -13.99 22.64 16.65
N LYS B 90 -12.74 22.21 16.85
CA LYS B 90 -11.70 22.32 15.85
C LYS B 90 -11.92 21.27 14.75
N GLY B 91 -12.45 20.11 15.13
CA GLY B 91 -12.72 19.04 14.18
C GLY B 91 -11.53 18.09 14.01
N PHE B 92 -10.93 17.71 15.14
CA PHE B 92 -9.78 16.82 15.15
C PHE B 92 -10.25 15.40 15.47
N CYS B 93 -9.64 14.42 14.80
CA CYS B 93 -9.92 13.02 15.00
C CYS B 93 -8.70 12.36 15.64
N ASP B 94 -8.89 11.72 16.80
CA ASP B 94 -7.77 11.08 17.49
C ASP B 94 -7.60 9.63 17.06
N LEU B 95 -8.32 9.18 16.02
CA LEU B 95 -8.21 7.81 15.54
C LEU B 95 -7.54 7.78 14.17
N LYS B 96 -7.99 8.65 13.26
CA LYS B 96 -7.49 8.74 11.90
C LYS B 96 -5.96 8.86 11.90
N GLY B 97 -5.31 7.95 11.15
CA GLY B 97 -3.86 7.94 11.02
C GLY B 97 -3.17 7.21 12.17
N LYS B 98 -3.96 6.59 13.05
CA LYS B 98 -3.44 5.87 14.20
C LYS B 98 -4.06 4.49 14.24
N TYR B 99 -3.65 3.70 15.25
CA TYR B 99 -4.16 2.34 15.41
C TYR B 99 -4.82 2.24 16.77
N VAL B 100 -5.96 1.54 16.81
CA VAL B 100 -6.69 1.39 18.06
C VAL B 100 -6.69 -0.09 18.45
N GLN B 101 -6.31 -0.36 19.69
CA GLN B 101 -6.28 -1.69 20.25
C GLN B 101 -7.63 -1.99 20.90
N ILE B 102 -8.21 -3.15 20.58
CA ILE B 102 -9.50 -3.56 21.09
C ILE B 102 -9.36 -4.93 21.73
N PRO B 103 -9.96 -5.20 22.92
CA PRO B 103 -9.91 -6.53 23.51
C PRO B 103 -10.45 -7.55 22.50
N THR B 104 -9.81 -8.73 22.46
CA THR B 104 -10.17 -9.78 21.52
C THR B 104 -11.63 -10.19 21.70
N THR B 105 -12.14 -10.06 22.93
CA THR B 105 -13.52 -10.42 23.23
C THR B 105 -14.52 -9.43 22.63
N CYS B 106 -14.05 -8.21 22.31
CA CYS B 106 -14.92 -7.17 21.77
C CYS B 106 -14.52 -6.80 20.34
N ALA B 107 -13.69 -7.63 19.70
CA ALA B 107 -13.19 -7.36 18.36
C ALA B 107 -14.27 -7.47 17.30
N ASN B 108 -15.44 -8.02 17.66
CA ASN B 108 -16.53 -8.12 16.70
C ASN B 108 -17.23 -6.77 16.51
N ASP B 109 -16.95 -5.79 17.40
CA ASP B 109 -17.58 -4.48 17.30
C ASP B 109 -16.60 -3.41 17.77
N PRO B 110 -15.60 -3.02 16.95
CA PRO B 110 -14.61 -2.01 17.35
C PRO B 110 -15.18 -0.60 17.51
N VAL B 111 -16.07 -0.21 16.58
CA VAL B 111 -16.64 1.13 16.62
C VAL B 111 -17.40 1.30 17.93
N GLY B 112 -18.21 0.29 18.27
CA GLY B 112 -18.99 0.32 19.49
C GLY B 112 -18.12 0.41 20.75
N PHE B 113 -17.04 -0.37 20.77
CA PHE B 113 -16.17 -0.40 21.94
C PHE B 113 -15.52 0.96 22.16
N THR B 114 -15.08 1.63 21.08
CA THR B 114 -14.40 2.91 21.19
C THR B 114 -15.32 4.00 21.72
N LEU B 115 -16.61 3.95 21.34
CA LEU B 115 -17.57 4.93 21.81
C LEU B 115 -17.78 4.82 23.31
N LYS B 116 -18.23 3.63 23.72
CA LYS B 116 -18.57 3.32 25.11
C LYS B 116 -17.42 3.62 26.06
N ASN B 117 -16.24 3.05 25.79
CA ASN B 117 -15.10 3.21 26.68
C ASN B 117 -14.35 4.51 26.37
N THR B 118 -13.44 4.87 27.28
CA THR B 118 -12.61 6.05 27.19
C THR B 118 -11.19 5.69 27.62
N VAL B 119 -10.22 6.50 27.16
CA VAL B 119 -8.81 6.27 27.42
C VAL B 119 -8.36 7.07 28.65
N CYS B 120 -7.49 6.43 29.45
CA CYS B 120 -6.89 7.04 30.63
C CYS B 120 -5.84 8.05 30.16
N THR B 121 -5.95 9.29 30.64
CA THR B 121 -5.05 10.36 30.21
C THR B 121 -3.69 10.26 30.89
N VAL B 122 -3.50 9.27 31.78
CA VAL B 122 -2.24 9.13 32.48
C VAL B 122 -1.38 8.04 31.81
N CYS B 123 -1.89 6.80 31.78
CA CYS B 123 -1.15 5.69 31.22
C CYS B 123 -1.49 5.43 29.75
N GLY B 124 -2.65 5.94 29.29
CA GLY B 124 -3.06 5.78 27.91
C GLY B 124 -3.65 4.40 27.62
N MET B 125 -4.22 3.76 28.65
CA MET B 125 -4.81 2.44 28.53
C MET B 125 -6.34 2.62 28.57
N TRP B 126 -7.09 1.58 28.21
CA TRP B 126 -8.54 1.62 28.30
C TRP B 126 -8.96 1.43 29.76
N LYS B 127 -9.91 2.26 30.21
CA LYS B 127 -10.40 2.19 31.58
C LYS B 127 -11.15 0.88 31.80
N GLY B 128 -10.66 0.07 32.75
CA GLY B 128 -11.25 -1.22 33.07
C GLY B 128 -10.78 -2.32 32.12
N TYR B 129 -9.77 -2.00 31.29
CA TYR B 129 -9.21 -2.90 30.31
C TYR B 129 -7.70 -2.67 30.16
N GLY B 130 -7.00 -2.60 31.30
CA GLY B 130 -5.56 -2.39 31.28
C GLY B 130 -5.11 -1.32 32.27
N CYS B 131 -5.89 -0.22 32.36
CA CYS B 131 -5.57 0.86 33.28
C CYS B 131 -5.70 0.39 34.72
N SER B 132 -4.62 0.58 35.48
CA SER B 132 -4.56 0.21 36.89
C SER B 132 -3.66 1.21 37.62
N CYS B 133 -3.93 2.50 37.41
CA CYS B 133 -3.18 3.58 38.04
C CYS B 133 -3.52 3.67 39.53
N ASP B 134 -4.51 2.88 39.97
CA ASP B 134 -4.93 2.86 41.36
C ASP B 134 -3.85 2.14 42.19
NA NA C . 4.59 2.99 10.66
C1 XDU D . -0.33 14.62 -10.60
N1 XDU D . -0.90 13.46 -11.06
O1 XDU D . 0.33 15.49 -11.43
C2 XDU D . -1.55 12.65 -10.18
N2 XDU D . -0.38 14.94 -9.29
C3 XDU D . -2.19 11.36 -10.43
C4 XDU D . -2.10 10.69 -11.56
C5 XDU D . -2.68 9.34 -11.51
C6 XDU D . -1.99 8.40 -12.26
C7 XDU D . -2.38 7.08 -12.20
C8 XDU D . -3.42 6.68 -11.40
C9 XDU D . -4.10 7.59 -10.62
C10 XDU D . -3.73 8.93 -10.67
C11 XDU D . -1.59 12.97 -8.84
C12 XDU D . -1.02 14.12 -8.40
C13 XDU D . -1.12 14.42 -6.95
F3 XDU D . 0.09 14.27 -6.41
F1 XDU D . -1.56 15.65 -6.79
F2 XDU D . -1.94 13.54 -6.38
CL2 XDU D . -4.70 10.03 -9.61
CL1 XDU D . -3.90 4.94 -11.33
C FMT E . -2.03 15.58 -14.44
O1 FMT E . -1.02 16.26 -14.48
O2 FMT E . -2.76 15.43 -13.37
C FMT F . 9.70 19.39 -4.30
O1 FMT F . 9.69 18.45 -5.07
O2 FMT F . 9.28 19.34 -3.09
C FMT G . -7.11 -9.93 -15.15
O1 FMT G . -7.30 -8.73 -15.20
O2 FMT G . -6.22 -10.55 -15.87
C FMT H . -7.07 -13.02 -11.80
O1 FMT H . -6.93 -11.82 -11.86
O2 FMT H . -6.24 -13.89 -12.31
C FMT I . 1.45 -25.78 -6.01
O1 FMT I . 2.61 -25.49 -6.22
O2 FMT I . 0.93 -25.89 -4.82
ZN ZN J . -12.68 10.20 12.66
ZN ZN K . -4.31 4.72 33.91
#